data_5AOZ
#
_entry.id   5AOZ
#
_cell.length_a   60.427
_cell.length_b   60.427
_cell.length_c   86.509
_cell.angle_alpha   90.00
_cell.angle_beta   90.00
_cell.angle_gamma   90.00
#
_symmetry.space_group_name_H-M   'P 41 21 2'
#
loop_
_entity.id
_entity.type
_entity.pdbx_description
1 polymer 'PUTATIVE CELLULOSOMAL SCAFFOLDIN PROTEIN'
2 non-polymer GLYCEROL
3 water water
#
_entity_poly.entity_id   1
_entity_poly.type   'polypeptide(L)'
_entity_poly.pdbx_seq_one_letter_code
;(MSE)GSSHHHHHHSSGLVPRGSH(MSE)ASPVANADVVFDFQNYTAKAGDEVTVDVLVDSKNKPISA(MSE)DVKFKVD
SPLTIEEIDKESLAFNTTV(MSE)TN(MSE)AILGANFKSLDDKGEPLVPKDGAAVFTLYVNVPANTPDGTYYVGFNGKN
EVHKSNDGSQFTVASKNGAITVGTPNEEG
;
_entity_poly.pdbx_strand_id   A
#
loop_
_chem_comp.id
_chem_comp.type
_chem_comp.name
_chem_comp.formula
GOL non-polymer GLYCEROL 'C3 H8 O3'
#
# COMPACT_ATOMS: atom_id res chain seq x y z
N PRO A 24 -16.37 -13.29 -5.69
CA PRO A 24 -15.60 -13.66 -6.87
C PRO A 24 -14.15 -13.32 -6.70
N VAL A 25 -13.32 -13.75 -7.64
CA VAL A 25 -11.86 -13.54 -7.48
C VAL A 25 -11.30 -12.85 -8.71
N ALA A 26 -10.29 -12.06 -8.44
CA ALA A 26 -9.41 -11.47 -9.43
C ALA A 26 -8.01 -12.02 -9.26
N ASN A 27 -7.47 -12.65 -10.29
CA ASN A 27 -6.11 -13.08 -10.30
CA ASN A 27 -6.08 -13.04 -10.26
C ASN A 27 -5.23 -11.95 -10.83
N ALA A 28 -4.02 -11.84 -10.26
CA ALA A 28 -3.03 -10.90 -10.75
C ALA A 28 -1.65 -11.45 -10.33
N ASP A 29 -0.60 -10.90 -10.94
CA ASP A 29 0.76 -11.27 -10.58
C ASP A 29 1.10 -10.85 -9.17
N VAL A 30 0.59 -9.70 -8.73
CA VAL A 30 0.88 -9.10 -7.43
C VAL A 30 -0.46 -8.67 -6.81
N VAL A 31 -0.71 -9.08 -5.57
CA VAL A 31 -1.91 -8.67 -4.87
C VAL A 31 -1.52 -7.97 -3.58
N PHE A 32 -2.07 -6.76 -3.41
CA PHE A 32 -1.91 -6.02 -2.17
C PHE A 32 -3.09 -6.32 -1.24
N ASP A 33 -2.76 -6.46 0.05
CA ASP A 33 -3.75 -6.67 1.10
C ASP A 33 -3.73 -5.48 2.01
N PHE A 34 -4.75 -4.60 1.91
CA PHE A 34 -4.82 -3.44 2.80
C PHE A 34 -5.19 -3.79 4.24
N GLN A 35 -5.71 -5.00 4.46
CA GLN A 35 -6.21 -5.49 5.74
C GLN A 35 -7.46 -4.72 6.17
N ASN A 36 -8.02 -5.13 7.31
CA ASN A 36 -9.24 -4.49 7.82
C ASN A 36 -8.95 -4.00 9.25
N TYR A 37 -9.67 -2.96 9.66
CA TYR A 37 -9.39 -2.21 10.90
C TYR A 37 -10.68 -1.78 11.58
N THR A 38 -10.57 -1.43 12.86
CA THR A 38 -11.63 -0.81 13.60
C THR A 38 -11.18 0.51 14.20
N ALA A 39 -12.15 1.36 14.47
CA ALA A 39 -11.92 2.71 15.00
C ALA A 39 -13.20 3.21 15.65
N LYS A 40 -12.99 4.10 16.61
CA LYS A 40 -14.05 4.99 17.07
C LYS A 40 -13.82 6.36 16.44
N ALA A 41 -14.87 7.16 16.30
CA ALA A 41 -14.68 8.54 15.86
C ALA A 41 -13.66 9.23 16.74
N GLY A 42 -12.74 9.95 16.10
CA GLY A 42 -11.64 10.60 16.77
C GLY A 42 -10.32 9.86 16.75
N ASP A 43 -10.33 8.60 16.36
CA ASP A 43 -9.10 7.77 16.36
C ASP A 43 -8.20 8.04 15.16
N GLU A 44 -6.95 7.59 15.35
CA GLU A 44 -6.03 7.32 14.26
C GLU A 44 -6.09 5.82 13.94
N VAL A 45 -5.85 5.47 12.67
CA VAL A 45 -5.77 4.08 12.23
C VAL A 45 -4.50 3.94 11.40
N THR A 46 -3.63 3.00 11.82
CA THR A 46 -2.44 2.70 11.10
C THR A 46 -2.70 1.56 10.13
N VAL A 47 -2.65 1.87 8.82
CA VAL A 47 -2.90 0.90 7.77
C VAL A 47 -1.57 0.30 7.32
N ASP A 48 -1.42 -1.01 7.48
CA ASP A 48 -0.23 -1.73 7.05
C ASP A 48 -0.60 -2.51 5.82
N VAL A 49 -0.07 -2.07 4.66
CA VAL A 49 -0.40 -2.72 3.39
C VAL A 49 0.59 -3.85 3.21
N LEU A 50 0.08 -5.05 3.01
CA LEU A 50 0.89 -6.25 2.73
C LEU A 50 0.92 -6.52 1.25
N VAL A 51 1.91 -7.31 0.80
CA VAL A 51 1.94 -7.66 -0.63
C VAL A 51 2.29 -9.12 -0.80
N ASP A 52 1.66 -9.74 -1.79
CA ASP A 52 1.98 -11.12 -2.23
C ASP A 52 2.35 -11.03 -3.69
N SER A 53 3.60 -11.34 -3.99
CA SER A 53 4.11 -11.47 -5.37
C SER A 53 4.42 -12.90 -5.76
N LYS A 54 3.96 -13.86 -4.98
CA LYS A 54 4.31 -15.26 -5.20
C LYS A 54 5.83 -15.42 -5.25
N ASN A 55 6.49 -14.71 -4.34
CA ASN A 55 7.96 -14.78 -4.16
CA ASN A 55 7.93 -14.83 -4.15
C ASN A 55 8.74 -14.31 -5.38
N LYS A 56 8.10 -13.51 -6.25
CA LYS A 56 8.77 -12.92 -7.40
C LYS A 56 9.41 -11.57 -6.99
N PRO A 57 10.59 -11.26 -7.53
CA PRO A 57 11.24 -9.98 -7.23
C PRO A 57 10.61 -8.79 -7.96
N ILE A 58 10.71 -7.64 -7.31
CA ILE A 58 10.11 -6.39 -7.75
C ILE A 58 11.21 -5.31 -7.78
N SER A 59 11.25 -4.49 -8.84
CA SER A 59 12.28 -3.49 -8.96
C SER A 59 11.92 -2.09 -8.49
N ALA A 60 10.62 -1.79 -8.43
CA ALA A 60 10.16 -0.44 -8.07
C ALA A 60 8.67 -0.44 -7.90
N MSE A 61 8.16 0.55 -7.16
CA MSE A 61 6.72 0.79 -7.09
C MSE A 61 6.47 2.27 -7.22
O MSE A 61 7.28 3.10 -6.81
CB MSE A 61 6.10 0.27 -5.79
CG MSE A 61 6.21 -1.26 -5.63
SE MSE A 61 5.13 -1.78 -4.11
CE MSE A 61 5.30 -3.66 -4.30
N ASP A 62 5.28 2.60 -7.74
CA ASP A 62 4.86 4.03 -7.90
C ASP A 62 3.35 4.03 -7.83
N VAL A 63 2.81 4.58 -6.72
CA VAL A 63 1.41 4.37 -6.36
C VAL A 63 0.76 5.66 -5.87
N LYS A 64 -0.56 5.67 -5.81
CA LYS A 64 -1.34 6.71 -5.16
C LYS A 64 -2.39 6.07 -4.27
N PHE A 65 -2.77 6.74 -3.17
CA PHE A 65 -3.71 6.21 -2.21
C PHE A 65 -4.92 7.10 -2.03
N LYS A 66 -5.99 6.52 -1.48
CA LYS A 66 -7.17 7.28 -1.09
CA LYS A 66 -7.16 7.26 -1.07
C LYS A 66 -7.83 6.58 0.09
N VAL A 67 -8.66 7.33 0.81
CA VAL A 67 -9.57 6.76 1.80
C VAL A 67 -10.90 7.48 1.68
N ASP A 68 -12.00 6.78 1.99
CA ASP A 68 -13.32 7.37 1.90
C ASP A 68 -13.52 8.49 2.92
N SER A 69 -14.14 9.58 2.44
CA SER A 69 -14.53 10.71 3.30
C SER A 69 -15.49 10.26 4.40
N PRO A 70 -15.41 10.83 5.61
CA PRO A 70 -14.60 12.01 5.99
C PRO A 70 -13.23 11.67 6.52
N LEU A 71 -12.82 10.40 6.45
CA LEU A 71 -11.46 10.02 6.86
C LEU A 71 -10.46 10.66 5.92
N THR A 72 -9.22 10.85 6.38
CA THR A 72 -8.13 11.32 5.53
C THR A 72 -6.86 10.58 5.85
N ILE A 73 -6.00 10.48 4.83
CA ILE A 73 -4.64 9.99 5.04
C ILE A 73 -3.79 11.19 5.44
N GLU A 74 -3.36 11.20 6.68
CA GLU A 74 -2.62 12.35 7.21
C GLU A 74 -1.13 12.24 6.97
N GLU A 75 -0.59 11.04 6.78
CA GLU A 75 0.85 10.82 6.57
C GLU A 75 1.03 9.50 5.90
N ILE A 76 2.02 9.42 5.02
CA ILE A 76 2.50 8.15 4.42
C ILE A 76 3.88 7.87 5.04
N ASP A 77 4.07 6.70 5.63
CA ASP A 77 5.37 6.41 6.20
C ASP A 77 6.48 6.43 5.13
N LYS A 78 7.65 6.95 5.53
CA LYS A 78 8.75 7.08 4.60
C LYS A 78 9.69 5.86 4.59
N GLU A 79 9.24 4.73 5.10
CA GLU A 79 9.97 3.46 5.07
C GLU A 79 9.04 2.38 4.52
N SER A 80 9.64 1.48 3.72
CA SER A 80 8.97 0.23 3.28
C SER A 80 9.69 -0.91 3.97
N LEU A 81 9.06 -1.51 4.97
CA LEU A 81 9.69 -2.61 5.69
C LEU A 81 9.85 -3.86 4.83
N ALA A 82 8.96 -4.06 3.86
CA ALA A 82 9.09 -5.23 3.01
C ALA A 82 10.33 -5.20 2.16
N PHE A 83 10.86 -4.00 1.90
CA PHE A 83 12.03 -3.84 1.04
C PHE A 83 13.23 -3.20 1.77
N ASN A 84 13.08 -2.85 3.05
CA ASN A 84 14.09 -2.05 3.79
CA ASN A 84 14.10 -2.11 3.79
C ASN A 84 14.61 -0.92 2.95
N THR A 85 13.67 -0.13 2.45
CA THR A 85 14.05 1.02 1.61
CA THR A 85 13.99 0.99 1.56
C THR A 85 13.23 2.25 1.96
N THR A 86 13.83 3.40 1.69
CA THR A 86 13.15 4.66 1.87
C THR A 86 12.07 4.86 0.81
N VAL A 87 10.94 5.41 1.24
CA VAL A 87 9.82 5.70 0.35
C VAL A 87 9.73 7.21 0.18
N MSE A 88 9.74 7.66 -1.08
CA MSE A 88 9.50 9.08 -1.39
C MSE A 88 8.01 9.33 -1.42
O MSE A 88 7.25 8.52 -1.98
CB MSE A 88 10.09 9.39 -2.76
CG MSE A 88 11.61 9.32 -2.77
SE MSE A 88 12.38 9.60 -4.50
CE MSE A 88 14.25 9.81 -4.19
N THR A 89 7.56 10.40 -0.80
CA THR A 89 6.14 10.66 -0.62
C THR A 89 5.75 12.06 -1.05
N ASN A 90 4.47 12.20 -1.43
CA ASN A 90 3.90 13.49 -1.81
C ASN A 90 2.49 13.57 -1.25
N MSE A 91 2.30 14.44 -0.26
CA MSE A 91 1.02 14.58 0.39
C MSE A 91 0.02 15.37 -0.43
O MSE A 91 -1.20 15.20 -0.27
CB MSE A 91 1.16 15.22 1.77
CG MSE A 91 1.95 14.32 2.74
SE MSE A 91 1.17 12.57 3.01
CE MSE A 91 -0.55 13.16 3.63
N ALA A 92 0.46 16.18 -1.39
CA ALA A 92 -0.49 16.88 -2.27
C ALA A 92 -1.31 15.91 -3.10
N ILE A 93 -0.68 14.86 -3.61
CA ILE A 93 -1.34 13.88 -4.48
C ILE A 93 -1.51 12.51 -3.79
N LEU A 94 -1.09 12.38 -2.53
CA LEU A 94 -1.11 11.12 -1.78
C LEU A 94 -0.42 10.01 -2.57
N GLY A 95 0.80 10.32 -3.01
CA GLY A 95 1.60 9.43 -3.80
C GLY A 95 2.82 8.96 -3.06
N ALA A 96 3.29 7.77 -3.46
CA ALA A 96 4.53 7.19 -2.92
C ALA A 96 5.27 6.45 -4.00
N ASN A 97 6.61 6.47 -3.95
CA ASN A 97 7.39 5.71 -4.93
C ASN A 97 8.71 5.33 -4.31
N PHE A 98 9.29 4.24 -4.83
CA PHE A 98 10.64 3.80 -4.43
C PHE A 98 11.19 2.83 -5.45
N LYS A 99 12.49 2.68 -5.42
CA LYS A 99 13.23 1.60 -6.12
C LYS A 99 13.61 0.57 -5.08
N SER A 100 13.56 -0.69 -5.46
CA SER A 100 13.81 -1.81 -4.54
C SER A 100 14.85 -2.78 -5.15
N LEU A 101 16.11 -2.30 -5.16
CA LEU A 101 17.25 -3.06 -5.70
C LEU A 101 18.23 -3.45 -4.61
N ASP A 102 18.85 -4.60 -4.78
CA ASP A 102 19.99 -4.99 -3.92
C ASP A 102 21.24 -4.24 -4.35
N ASP A 103 22.36 -4.45 -3.65
CA ASP A 103 23.59 -3.70 -3.96
C ASP A 103 24.24 -4.03 -5.32
N LYS A 104 23.82 -5.14 -5.96
CA LYS A 104 24.22 -5.46 -7.34
C LYS A 104 23.17 -5.04 -8.39
N GLY A 105 22.16 -4.25 -7.98
CA GLY A 105 21.22 -3.64 -8.92
C GLY A 105 20.11 -4.58 -9.36
N GLU A 106 19.95 -5.70 -8.64
CA GLU A 106 18.91 -6.67 -8.95
C GLU A 106 17.64 -6.45 -8.09
N PRO A 107 16.47 -6.79 -8.65
CA PRO A 107 15.21 -6.61 -7.88
C PRO A 107 15.16 -7.49 -6.64
N LEU A 108 14.43 -6.98 -5.64
CA LEU A 108 14.23 -7.63 -4.35
C LEU A 108 12.94 -8.36 -4.26
N VAL A 109 12.95 -9.52 -3.59
CA VAL A 109 11.72 -10.20 -3.20
C VAL A 109 11.18 -9.53 -1.92
N PRO A 110 9.91 -9.09 -1.91
CA PRO A 110 9.42 -8.48 -0.67
C PRO A 110 9.45 -9.49 0.48
N LYS A 111 9.71 -8.96 1.66
CA LYS A 111 9.77 -9.82 2.89
CA LYS A 111 9.77 -9.80 2.88
C LYS A 111 8.37 -10.24 3.32
N ASP A 112 8.17 -11.56 3.32
CA ASP A 112 6.90 -12.14 3.78
C ASP A 112 6.65 -11.69 5.20
N GLY A 113 5.45 -11.16 5.42
CA GLY A 113 4.99 -10.70 6.72
C GLY A 113 5.10 -9.23 6.97
N ALA A 114 5.94 -8.54 6.20
CA ALA A 114 6.29 -7.14 6.45
C ALA A 114 5.42 -6.18 5.63
N ALA A 115 5.08 -5.06 6.22
CA ALA A 115 4.34 -4.02 5.51
C ALA A 115 5.17 -3.48 4.35
N VAL A 116 4.56 -3.35 3.17
CA VAL A 116 5.20 -2.64 2.06
C VAL A 116 4.99 -1.14 2.12
N PHE A 117 3.81 -0.73 2.61
CA PHE A 117 3.52 0.70 2.89
C PHE A 117 2.84 0.75 4.23
N THR A 118 2.99 1.87 4.90
CA THR A 118 2.22 2.18 6.12
C THR A 118 1.59 3.56 5.96
N LEU A 119 0.28 3.64 6.19
CA LEU A 119 -0.46 4.88 6.09
C LEU A 119 -1.04 5.22 7.45
N TYR A 120 -1.06 6.51 7.79
CA TYR A 120 -1.65 6.97 9.04
C TYR A 120 -2.93 7.71 8.69
N VAL A 121 -4.08 7.18 9.12
CA VAL A 121 -5.39 7.67 8.76
C VAL A 121 -6.05 8.36 9.95
N ASN A 122 -6.60 9.55 9.71
CA ASN A 122 -7.39 10.27 10.69
C ASN A 122 -8.87 9.96 10.53
N VAL A 123 -9.52 9.64 11.65
CA VAL A 123 -10.99 9.44 11.68
C VAL A 123 -11.55 10.62 12.49
N PRO A 124 -12.22 11.60 11.85
CA PRO A 124 -12.70 12.79 12.59
C PRO A 124 -13.64 12.41 13.73
N ALA A 125 -13.70 13.30 14.71
CA ALA A 125 -14.62 13.17 15.84
C ALA A 125 -16.08 13.01 15.50
N ASN A 126 -16.48 13.57 14.37
CA ASN A 126 -17.89 13.47 13.95
C ASN A 126 -18.17 12.42 12.91
N THR A 127 -17.24 11.48 12.73
CA THR A 127 -17.47 10.45 11.72
C THR A 127 -18.64 9.57 12.12
N PRO A 128 -19.64 9.37 11.22
CA PRO A 128 -20.75 8.45 11.51
C PRO A 128 -20.29 7.01 11.55
N ASP A 129 -21.00 6.20 12.31
CA ASP A 129 -20.79 4.76 12.19
C ASP A 129 -20.91 4.31 10.72
N GLY A 130 -20.03 3.43 10.31
CA GLY A 130 -20.04 2.97 8.94
C GLY A 130 -18.75 2.27 8.58
N THR A 131 -18.65 1.92 7.31
CA THR A 131 -17.49 1.23 6.74
C THR A 131 -16.87 2.15 5.72
N TYR A 132 -15.59 2.47 5.87
CA TYR A 132 -14.86 3.40 5.03
C TYR A 132 -13.63 2.69 4.48
N TYR A 133 -13.46 2.72 3.16
CA TYR A 133 -12.38 1.96 2.55
C TYR A 133 -11.13 2.79 2.28
N VAL A 134 -9.99 2.16 2.49
CA VAL A 134 -8.68 2.66 2.07
C VAL A 134 -8.18 1.79 0.92
N GLY A 135 -7.53 2.40 -0.06
CA GLY A 135 -7.04 1.65 -1.21
C GLY A 135 -6.24 2.53 -2.11
N PHE A 136 -5.98 2.04 -3.32
CA PHE A 136 -5.28 2.80 -4.33
C PHE A 136 -6.19 3.80 -5.03
N ASN A 137 -5.58 4.90 -5.47
CA ASN A 137 -6.27 5.97 -6.21
C ASN A 137 -5.80 5.98 -7.66
N GLY A 138 -6.00 4.87 -8.38
CA GLY A 138 -5.73 4.84 -9.82
C GLY A 138 -4.28 4.73 -10.28
N LYS A 139 -3.37 4.54 -9.41
CA LYS A 139 -2.00 4.26 -9.73
C LYS A 139 -1.49 3.22 -8.71
N ASN A 140 -1.01 2.10 -9.23
CA ASN A 140 -0.46 1.04 -8.42
C ASN A 140 0.58 0.27 -9.20
N GLU A 141 1.55 1.00 -9.71
CA GLU A 141 2.54 0.40 -10.60
C GLU A 141 3.57 -0.40 -9.81
N VAL A 142 3.82 -1.62 -10.28
CA VAL A 142 4.79 -2.53 -9.69
C VAL A 142 5.65 -3.03 -10.83
N HIS A 143 6.92 -2.63 -10.83
CA HIS A 143 7.81 -2.90 -11.94
C HIS A 143 8.58 -4.18 -11.73
N LYS A 144 8.90 -4.82 -12.87
CA LYS A 144 9.71 -6.05 -12.91
C LYS A 144 11.22 -5.82 -13.03
N SER A 145 11.61 -4.77 -13.75
CA SER A 145 13.00 -4.55 -14.14
CA SER A 145 13.00 -4.55 -14.17
C SER A 145 13.28 -3.04 -14.29
N ASN A 146 14.12 -2.62 -15.24
CA ASN A 146 14.34 -1.19 -15.48
C ASN A 146 13.82 -0.66 -16.78
N ASP A 147 13.02 -1.41 -17.49
CA ASP A 147 12.63 -1.11 -18.86
C ASP A 147 11.14 -0.79 -19.04
N GLY A 148 10.45 -0.52 -17.95
CA GLY A 148 9.00 -0.20 -18.08
C GLY A 148 8.09 -1.37 -17.87
N SER A 149 8.61 -2.62 -17.95
CA SER A 149 7.73 -3.74 -17.81
C SER A 149 7.11 -3.82 -16.41
N GLN A 150 5.85 -4.25 -16.38
CA GLN A 150 5.07 -4.21 -15.16
CA GLN A 150 4.98 -4.14 -15.19
C GLN A 150 4.42 -5.53 -14.87
N PHE A 151 4.21 -5.80 -13.59
CA PHE A 151 3.34 -6.87 -13.16
C PHE A 151 1.88 -6.41 -13.18
N THR A 152 0.97 -7.36 -13.41
CA THR A 152 -0.44 -7.07 -13.16
C THR A 152 -0.66 -7.02 -11.64
N VAL A 153 -1.66 -6.22 -11.24
CA VAL A 153 -1.87 -5.90 -9.84
C VAL A 153 -3.35 -5.96 -9.51
N ALA A 154 -3.68 -6.51 -8.35
CA ALA A 154 -5.03 -6.38 -7.77
C ALA A 154 -4.90 -6.13 -6.28
N SER A 155 -6.02 -5.79 -5.63
CA SER A 155 -6.07 -5.36 -4.22
CA SER A 155 -5.95 -5.52 -4.21
C SER A 155 -7.22 -6.04 -3.52
N LYS A 156 -7.05 -6.27 -2.22
CA LYS A 156 -8.14 -6.78 -1.38
C LYS A 156 -8.19 -6.06 -0.04
N ASN A 157 -9.34 -6.20 0.61
CA ASN A 157 -9.62 -5.69 1.92
C ASN A 157 -9.58 -4.15 1.95
N GLY A 158 -9.14 -3.56 3.06
CA GLY A 158 -9.15 -2.11 3.22
C GLY A 158 -10.34 -1.52 3.97
N ALA A 159 -11.13 -2.35 4.65
CA ALA A 159 -12.29 -1.80 5.40
C ALA A 159 -11.87 -1.23 6.73
N ILE A 160 -12.25 0.00 6.98
CA ILE A 160 -12.12 0.62 8.31
C ILE A 160 -13.53 0.78 8.84
N THR A 161 -13.87 0.00 9.86
CA THR A 161 -15.22 -0.02 10.43
C THR A 161 -15.23 0.88 11.65
N VAL A 162 -16.03 1.93 11.58
CA VAL A 162 -16.11 2.95 12.61
C VAL A 162 -17.36 2.71 13.41
N GLY A 163 -17.20 2.63 14.75
CA GLY A 163 -18.33 2.46 15.62
C GLY A 163 -19.04 1.12 15.67
N THR A 164 -18.54 0.08 14.98
CA THR A 164 -19.22 -1.25 14.99
C THR A 164 -20.78 -1.28 15.02
C1 GOL B . 4.98 10.78 -5.48
O1 GOL B . 5.11 9.36 -5.61
C2 GOL B . 5.35 11.52 -6.75
O2 GOL B . 4.66 11.03 -7.94
C3 GOL B . 5.09 13.00 -6.59
O3 GOL B . 5.36 13.71 -7.82
#